data_1LR4
#
_entry.id   1LR4
#
_cell.length_a   142.550
_cell.length_b   61.440
_cell.length_c   45.410
_cell.angle_alpha   90.00
_cell.angle_beta   103.06
_cell.angle_gamma   90.00
#
_symmetry.space_group_name_H-M   'C 1 2 1'
#
loop_
_entity.id
_entity.type
_entity.pdbx_description
1 polymer 'Protein kinase CK2'
2 non-polymer BENZAMIDINE
3 water water
#
_entity_poly.entity_id   1
_entity_poly.type   'polypeptide(L)'
_entity_poly.pdbx_seq_one_letter_code
;MSKARVYADVNVLRPKEYWDYEALTVQWGEQDDYEVVRKVGRGKYSEVFEGINVNNNEKCIIKILKPVKKKKIKREIKIL
QNLCGGPNIVKLLDIVRDQHSKTPSLIFEYVNNTDFKVLYPTLTDYDIRYYIYELLKALDYCHSQGIMHRDVKPHNVMID
HELRKLRLIDWGLAEFYHPGKEYNVRVASRYFKGPELLVDLQDYDYSLDMWSLGCMFAGMIFRKEPFFYGHDNHDQLVKI
AKVLGTDGLNVYLNKYRIELDPQLEALVGRHSRKPWLKFMNADNQHLVSPEAIDFLDKLLRYDHQERLTALEAMTHPYFQ
QVRAAENSRTRA
;
_entity_poly.pdbx_strand_id   A
#
loop_
_chem_comp.id
_chem_comp.type
_chem_comp.name
_chem_comp.formula
BEN non-polymer BENZAMIDINE 'C7 H8 N2'
#
# COMPACT_ATOMS: atom_id res chain seq x y z
N SER A 2 -5.62 -16.26 13.35
CA SER A 2 -4.42 -16.15 12.46
C SER A 2 -3.45 -15.15 13.05
N LYS A 3 -2.15 -15.43 13.05
CA LYS A 3 -1.19 -14.37 13.40
C LYS A 3 -0.15 -14.18 12.31
N ALA A 4 0.49 -13.01 12.34
CA ALA A 4 1.57 -12.70 11.39
C ALA A 4 2.78 -13.59 11.58
N ARG A 5 3.42 -13.97 10.49
CA ARG A 5 4.55 -14.89 10.58
C ARG A 5 5.82 -14.18 10.98
N VAL A 6 5.82 -12.86 10.77
CA VAL A 6 6.92 -12.02 11.15
C VAL A 6 6.44 -10.75 11.85
N TYR A 7 7.31 -10.19 12.66
CA TYR A 7 7.07 -8.95 13.40
C TYR A 7 5.83 -9.00 14.24
N ALA A 8 5.40 -10.18 14.60
CA ALA A 8 4.17 -10.26 15.39
C ALA A 8 4.21 -9.54 16.79
N ASP A 9 5.36 -9.44 17.40
CA ASP A 9 5.47 -8.98 18.77
C ASP A 9 5.98 -7.54 18.89
N VAL A 10 6.06 -6.83 17.77
CA VAL A 10 6.60 -5.48 17.80
C VAL A 10 5.94 -4.56 18.83
N ASN A 11 4.62 -4.50 18.78
CA ASN A 11 3.84 -3.61 19.62
C ASN A 11 3.63 -4.16 21.04
N VAL A 12 3.94 -5.44 21.21
CA VAL A 12 3.84 -6.12 22.47
C VAL A 12 5.06 -5.77 23.26
N LEU A 13 6.20 -5.68 22.59
CA LEU A 13 7.46 -5.30 23.25
C LEU A 13 7.59 -3.81 23.50
N ARG A 14 7.08 -2.99 22.61
CA ARG A 14 7.28 -1.56 22.78
C ARG A 14 6.35 -0.92 23.79
N PRO A 15 6.72 0.25 24.29
CA PRO A 15 5.93 0.94 25.30
C PRO A 15 4.59 1.38 24.74
N LYS A 16 3.56 1.39 25.59
CA LYS A 16 2.21 1.73 25.20
C LYS A 16 2.17 3.08 24.50
N GLU A 17 3.11 3.97 24.82
CA GLU A 17 3.15 5.29 24.19
C GLU A 17 3.46 5.18 22.71
N TYR A 18 4.13 4.11 22.31
CA TYR A 18 4.42 3.92 20.89
C TYR A 18 3.15 3.81 20.08
N TRP A 19 2.22 2.97 20.52
CA TRP A 19 1.06 2.63 19.71
C TRP A 19 -0.27 3.13 20.21
N ASP A 20 -0.32 3.70 21.40
CA ASP A 20 -1.58 4.24 21.88
C ASP A 20 -1.80 5.59 21.21
N TYR A 21 -2.24 5.59 19.95
CA TYR A 21 -2.36 6.87 19.27
C TYR A 21 -3.45 7.77 19.83
N GLU A 22 -4.42 7.21 20.54
CA GLU A 22 -5.52 7.99 21.11
C GLU A 22 -5.04 8.99 22.17
N ALA A 23 -3.87 8.75 22.76
CA ALA A 23 -3.31 9.61 23.81
C ALA A 23 -2.30 10.61 23.28
N LEU A 24 -2.18 10.72 21.97
CA LEU A 24 -1.22 11.66 21.40
C LEU A 24 -1.65 13.07 21.75
N THR A 25 -0.66 13.95 21.81
CA THR A 25 -0.88 15.37 22.01
C THR A 25 -0.15 16.11 20.88
N VAL A 26 -0.93 16.68 19.97
CA VAL A 26 -0.40 17.35 18.80
C VAL A 26 0.18 18.70 19.12
N GLN A 27 1.47 18.88 18.83
CA GLN A 27 2.12 20.19 18.96
C GLN A 27 1.90 20.97 17.64
N TRP A 28 0.84 21.78 17.58
CA TRP A 28 0.52 22.54 16.38
C TRP A 28 1.53 23.62 16.04
N GLY A 29 1.92 23.71 14.77
CA GLY A 29 2.85 24.73 14.32
C GLY A 29 2.15 26.02 13.90
N GLU A 30 2.85 26.85 13.14
CA GLU A 30 2.29 28.11 12.70
C GLU A 30 1.74 27.98 11.28
N GLN A 31 0.44 28.16 11.15
CA GLN A 31 -0.21 28.09 9.84
C GLN A 31 0.38 29.03 8.78
N ASP A 32 0.98 30.14 9.20
CA ASP A 32 1.48 31.15 8.26
C ASP A 32 2.79 30.80 7.60
N ASP A 33 3.47 29.81 8.16
CA ASP A 33 4.75 29.44 7.61
C ASP A 33 4.59 28.83 6.23
N TYR A 34 3.37 28.39 5.94
CA TYR A 34 3.07 27.59 4.75
C TYR A 34 1.99 28.17 3.86
N GLU A 35 2.36 28.41 2.60
CA GLU A 35 1.45 29.01 1.67
C GLU A 35 1.17 28.07 0.50
N VAL A 36 -0.09 27.95 0.14
CA VAL A 36 -0.52 27.10 -0.96
C VAL A 36 -0.21 27.76 -2.30
N VAL A 37 0.41 27.02 -3.21
CA VAL A 37 0.70 27.51 -4.55
C VAL A 37 -0.26 26.94 -5.61
N ARG A 38 -0.47 25.63 -5.62
CA ARG A 38 -1.45 25.03 -6.54
C ARG A 38 -1.86 23.64 -6.12
N LYS A 39 -3.07 23.27 -6.54
CA LYS A 39 -3.63 21.97 -6.23
C LYS A 39 -2.97 20.92 -7.08
N VAL A 40 -2.59 19.79 -6.46
CA VAL A 40 -2.02 18.70 -7.23
C VAL A 40 -2.77 17.37 -7.05
N GLY A 41 -3.81 17.36 -6.24
CA GLY A 41 -4.52 16.11 -6.06
C GLY A 41 -5.67 16.24 -5.10
N ARG A 42 -6.40 15.14 -5.00
CA ARG A 42 -7.61 15.12 -4.21
C ARG A 42 -8.11 13.70 -4.10
N GLY A 43 -8.74 13.42 -2.97
CA GLY A 43 -9.31 12.12 -2.74
C GLY A 43 -10.51 12.24 -1.83
N LYS A 44 -11.00 11.08 -1.41
CA LYS A 44 -12.14 11.05 -0.52
C LYS A 44 -11.90 11.72 0.82
N TYR A 45 -10.68 11.71 1.36
CA TYR A 45 -10.41 12.27 2.68
C TYR A 45 -9.54 13.56 2.70
N SER A 46 -9.02 14.04 1.57
CA SER A 46 -8.13 15.18 1.63
C SER A 46 -7.92 15.80 0.27
N GLU A 47 -7.38 17.01 0.28
CA GLU A 47 -6.98 17.72 -0.92
C GLU A 47 -5.51 17.95 -0.71
N VAL A 48 -4.74 17.90 -1.79
CA VAL A 48 -3.31 17.97 -1.72
C VAL A 48 -2.83 19.09 -2.62
N PHE A 49 -1.95 19.92 -2.05
CA PHE A 49 -1.42 21.09 -2.73
C PHE A 49 0.08 21.17 -2.66
N GLU A 50 0.68 21.77 -3.68
CA GLU A 50 2.06 22.17 -3.62
C GLU A 50 2.05 23.49 -2.83
N GLY A 51 3.00 23.63 -1.93
CA GLY A 51 3.13 24.83 -1.13
C GLY A 51 4.55 25.31 -1.03
N ILE A 52 4.74 26.38 -0.27
CA ILE A 52 6.07 26.93 -0.06
C ILE A 52 6.29 27.21 1.40
N ASN A 53 7.47 26.86 1.88
CA ASN A 53 7.86 27.27 3.22
C ASN A 53 8.40 28.73 3.17
N VAL A 54 7.57 29.71 3.55
CA VAL A 54 7.94 31.15 3.48
C VAL A 54 9.34 31.56 3.97
N ASN A 55 9.89 30.83 4.92
CA ASN A 55 11.20 31.16 5.46
C ASN A 55 12.33 30.64 4.61
N ASN A 56 12.31 29.37 4.23
CA ASN A 56 13.46 28.92 3.46
C ASN A 56 13.12 29.02 1.99
N ASN A 57 11.88 29.39 1.74
CA ASN A 57 11.36 29.44 0.39
C ASN A 57 11.45 28.08 -0.34
N GLU A 58 11.57 27.00 0.44
CA GLU A 58 11.58 25.64 -0.10
C GLU A 58 10.16 25.07 -0.35
N LYS A 59 10.04 24.29 -1.42
CA LYS A 59 8.77 23.67 -1.75
C LYS A 59 8.45 22.61 -0.72
N CYS A 60 7.15 22.39 -0.55
CA CYS A 60 6.63 21.37 0.34
C CYS A 60 5.26 20.88 -0.17
N ILE A 61 4.64 19.92 0.53
CA ILE A 61 3.32 19.39 0.14
C ILE A 61 2.36 19.63 1.25
N ILE A 62 1.20 20.17 0.91
CA ILE A 62 0.21 20.46 1.93
C ILE A 62 -1.01 19.63 1.68
N LYS A 63 -1.35 18.85 2.71
CA LYS A 63 -2.51 17.97 2.69
C LYS A 63 -3.55 18.50 3.62
N ILE A 64 -4.66 19.02 3.08
CA ILE A 64 -5.73 19.53 3.93
C ILE A 64 -6.77 18.45 4.13
N LEU A 65 -7.01 18.10 5.40
CA LEU A 65 -7.87 17.00 5.73
C LEU A 65 -9.32 17.40 5.72
N LYS A 66 -10.14 16.59 5.08
CA LYS A 66 -11.58 16.74 5.18
C LYS A 66 -11.97 16.31 6.58
N PRO A 67 -13.09 16.82 7.05
CA PRO A 67 -13.55 16.51 8.40
C PRO A 67 -13.67 15.02 8.65
N VAL A 68 -13.05 14.57 9.73
CA VAL A 68 -13.13 13.19 10.19
C VAL A 68 -13.00 13.25 11.70
N LYS A 69 -13.30 12.12 12.34
CA LYS A 69 -13.17 11.97 13.77
C LYS A 69 -11.73 12.23 14.20
N LYS A 70 -11.57 12.82 15.38
CA LYS A 70 -10.26 13.13 15.92
C LYS A 70 -9.33 11.91 16.00
N LYS A 71 -9.88 10.76 16.34
CA LYS A 71 -9.06 9.56 16.45
C LYS A 71 -8.31 9.28 15.15
N LYS A 72 -8.99 9.28 14.02
CA LYS A 72 -8.34 8.98 12.75
C LYS A 72 -7.23 9.97 12.48
N ILE A 73 -7.42 11.23 12.90
CA ILE A 73 -6.36 12.22 12.72
C ILE A 73 -5.16 11.91 13.60
N LYS A 74 -5.42 11.59 14.86
CA LYS A 74 -4.34 11.21 15.74
C LYS A 74 -3.60 9.97 15.21
N ARG A 75 -4.34 9.02 14.63
CA ARG A 75 -3.69 7.80 14.10
C ARG A 75 -2.67 8.11 13.00
N GLU A 76 -3.08 8.89 12.00
CA GLU A 76 -2.20 9.21 10.88
C GLU A 76 -0.94 9.92 11.33
N ILE A 77 -1.08 10.87 12.25
CA ILE A 77 0.06 11.61 12.75
C ILE A 77 1.06 10.76 13.51
N LYS A 78 0.56 9.96 14.42
CA LYS A 78 1.40 9.11 15.24
C LYS A 78 2.15 8.12 14.36
N ILE A 79 1.47 7.57 13.35
CA ILE A 79 2.12 6.61 12.46
C ILE A 79 3.20 7.31 11.66
N LEU A 80 2.88 8.46 11.11
CA LEU A 80 3.91 9.24 10.42
C LEU A 80 5.10 9.60 11.33
N GLN A 81 4.85 9.96 12.58
CA GLN A 81 5.94 10.29 13.50
C GLN A 81 6.81 9.09 13.80
N ASN A 82 6.17 7.96 14.08
CA ASN A 82 6.86 6.68 14.28
C ASN A 82 7.71 6.23 13.09
N LEU A 83 7.25 6.46 11.86
CA LEU A 83 8.00 6.03 10.69
C LEU A 83 8.96 7.08 10.15
N CYS A 84 8.92 8.31 10.65
CA CYS A 84 9.74 9.37 10.07
C CYS A 84 11.20 8.93 9.99
N GLY A 85 11.77 9.05 8.80
CA GLY A 85 13.15 8.70 8.58
C GLY A 85 13.40 7.35 7.95
N GLY A 86 12.38 6.49 7.91
CA GLY A 86 12.53 5.21 7.27
C GLY A 86 12.69 5.37 5.79
N PRO A 87 13.26 4.37 5.12
CA PRO A 87 13.45 4.45 3.69
C PRO A 87 12.16 4.53 2.91
N ASN A 88 12.17 5.54 2.05
CA ASN A 88 11.10 5.81 1.16
C ASN A 88 9.75 6.04 1.77
N ILE A 89 9.74 6.43 3.05
CA ILE A 89 8.52 6.82 3.74
C ILE A 89 8.45 8.36 3.69
N VAL A 90 7.31 8.89 3.24
CA VAL A 90 7.13 10.33 3.17
C VAL A 90 7.44 10.95 4.54
N LYS A 91 8.08 12.13 4.55
CA LYS A 91 8.44 12.76 5.83
C LYS A 91 7.49 13.89 6.25
N LEU A 92 6.81 13.68 7.36
CA LEU A 92 5.95 14.70 7.94
C LEU A 92 6.88 15.76 8.53
N LEU A 93 6.69 17.01 8.09
CA LEU A 93 7.48 18.16 8.52
C LEU A 93 6.78 19.01 9.57
N ASP A 94 5.47 19.16 9.46
CA ASP A 94 4.76 20.00 10.39
C ASP A 94 3.27 19.65 10.38
N ILE A 95 2.56 20.16 11.37
CA ILE A 95 1.13 19.97 11.53
C ILE A 95 0.55 21.33 11.88
N VAL A 96 -0.47 21.80 11.17
CA VAL A 96 -1.08 23.12 11.47
C VAL A 96 -2.59 23.14 11.29
N ARG A 97 -3.26 24.08 11.96
CA ARG A 97 -4.71 24.16 11.89
C ARG A 97 -5.26 25.57 11.73
N ASP A 98 -6.27 25.69 10.88
CA ASP A 98 -6.88 26.98 10.69
C ASP A 98 -7.56 27.37 11.98
N GLN A 99 -7.09 28.46 12.57
CA GLN A 99 -7.63 28.94 13.84
C GLN A 99 -9.15 28.92 13.84
N HIS A 100 -9.75 29.58 12.87
CA HIS A 100 -11.20 29.62 12.87
C HIS A 100 -11.85 28.26 12.70
N SER A 101 -11.68 27.66 11.52
CA SER A 101 -12.32 26.38 11.19
C SER A 101 -11.80 25.22 12.01
N LYS A 102 -10.52 25.30 12.34
CA LYS A 102 -9.80 24.25 13.04
C LYS A 102 -9.64 23.09 12.06
N THR A 103 -9.53 23.44 10.79
CA THR A 103 -9.25 22.47 9.74
C THR A 103 -7.77 22.16 9.74
N PRO A 104 -7.39 20.92 9.99
CA PRO A 104 -5.97 20.54 9.95
C PRO A 104 -5.37 20.39 8.56
N SER A 105 -4.10 20.73 8.47
CA SER A 105 -3.28 20.51 7.30
C SER A 105 -1.99 19.82 7.78
N LEU A 106 -1.54 18.79 7.05
CA LEU A 106 -0.29 18.11 7.36
C LEU A 106 0.65 18.60 6.31
N ILE A 107 1.87 18.92 6.69
CA ILE A 107 2.87 19.43 5.78
C ILE A 107 3.94 18.39 5.62
N PHE A 108 4.27 18.07 4.38
CA PHE A 108 5.23 17.04 4.08
C PHE A 108 6.34 17.59 3.19
N GLU A 109 7.48 16.92 3.20
CA GLU A 109 8.55 17.21 2.25
C GLU A 109 7.91 17.23 0.87
N TYR A 110 8.49 18.00 -0.06
CA TYR A 110 7.95 18.06 -1.43
C TYR A 110 8.41 16.89 -2.27
N VAL A 111 7.52 16.30 -3.05
CA VAL A 111 7.97 15.29 -3.97
C VAL A 111 7.40 15.64 -5.35
N ASN A 112 8.24 15.55 -6.38
CA ASN A 112 7.79 15.94 -7.71
C ASN A 112 7.35 14.72 -8.46
N ASN A 113 6.10 14.34 -8.20
CA ASN A 113 5.55 13.13 -8.75
C ASN A 113 5.10 13.16 -10.21
N THR A 114 5.25 12.01 -10.83
CA THR A 114 4.81 11.79 -12.17
C THR A 114 3.61 10.86 -12.14
N ASP A 115 2.52 11.31 -12.79
CA ASP A 115 1.26 10.58 -12.93
C ASP A 115 1.44 9.15 -13.47
N PHE A 116 1.09 8.19 -12.64
CA PHE A 116 1.33 6.78 -12.98
C PHE A 116 0.70 6.35 -14.28
N LYS A 117 -0.40 6.99 -14.65
CA LYS A 117 -1.08 6.62 -15.87
C LYS A 117 -0.24 6.90 -17.12
N VAL A 118 0.62 7.91 -17.09
CA VAL A 118 1.55 8.15 -18.20
C VAL A 118 2.91 7.56 -17.88
N LEU A 119 3.33 7.56 -16.62
CA LEU A 119 4.63 6.96 -16.35
C LEU A 119 4.71 5.46 -16.68
N TYR A 120 3.79 4.66 -16.16
CA TYR A 120 3.92 3.20 -16.24
C TYR A 120 4.16 2.57 -17.63
N PRO A 121 3.37 2.92 -18.64
CA PRO A 121 3.62 2.36 -19.97
C PRO A 121 4.98 2.73 -20.52
N THR A 122 5.77 3.62 -19.89
CA THR A 122 7.12 3.89 -20.41
C THR A 122 8.26 3.27 -19.61
N LEU A 123 7.96 2.62 -18.50
CA LEU A 123 9.02 2.02 -17.70
C LEU A 123 9.61 0.85 -18.46
N THR A 124 10.92 0.72 -18.44
CA THR A 124 11.56 -0.45 -19.02
C THR A 124 11.70 -1.54 -17.94
N ASP A 125 11.78 -2.78 -18.39
CA ASP A 125 11.86 -3.94 -17.52
C ASP A 125 12.66 -3.62 -16.28
N TYR A 126 13.84 -3.04 -16.46
CA TYR A 126 14.69 -2.77 -15.35
C TYR A 126 14.09 -1.74 -14.40
N ASP A 127 13.51 -0.69 -14.96
CA ASP A 127 12.85 0.31 -14.13
C ASP A 127 11.84 -0.38 -13.20
N ILE A 128 11.05 -1.26 -13.72
CA ILE A 128 10.04 -1.90 -12.88
C ILE A 128 10.71 -2.55 -11.63
N ARG A 129 11.77 -3.29 -11.93
CA ARG A 129 12.54 -4.03 -10.91
C ARG A 129 12.97 -3.09 -9.88
N TYR A 130 13.53 -1.96 -10.32
CA TYR A 130 14.06 -0.99 -9.41
C TYR A 130 13.01 -0.32 -8.51
N TYR A 131 11.88 0.06 -9.09
CA TYR A 131 10.91 0.79 -8.27
C TYR A 131 10.21 -0.20 -7.35
N ILE A 132 10.02 -1.41 -7.81
CA ILE A 132 9.29 -2.39 -6.96
C ILE A 132 10.23 -2.70 -5.75
N TYR A 133 11.52 -2.94 -6.02
CA TYR A 133 12.50 -3.03 -4.89
C TYR A 133 12.45 -1.85 -3.90
N GLU A 134 12.38 -0.61 -4.40
CA GLU A 134 12.34 0.50 -3.49
C GLU A 134 11.06 0.56 -2.65
N LEU A 135 9.96 0.17 -3.25
CA LEU A 135 8.69 0.13 -2.55
C LEU A 135 8.78 -0.98 -1.45
N LEU A 136 9.37 -2.13 -1.78
CA LEU A 136 9.63 -3.15 -0.76
C LEU A 136 10.39 -2.71 0.44
N LYS A 137 11.39 -1.84 0.28
CA LYS A 137 12.10 -1.29 1.43
C LYS A 137 11.20 -0.55 2.37
N ALA A 138 10.24 0.22 1.82
CA ALA A 138 9.32 0.99 2.64
C ALA A 138 8.39 0.04 3.44
N LEU A 139 7.94 -1.02 2.77
CA LEU A 139 6.98 -1.98 3.33
C LEU A 139 7.61 -2.81 4.40
N ASP A 140 8.84 -3.27 4.18
CA ASP A 140 9.59 -3.98 5.21
C ASP A 140 9.85 -3.09 6.38
N TYR A 141 10.20 -1.85 6.12
CA TYR A 141 10.38 -0.93 7.25
C TYR A 141 9.08 -0.74 8.06
N CYS A 142 7.97 -0.39 7.43
CA CYS A 142 6.76 -0.16 8.27
C CYS A 142 6.30 -1.42 9.01
N HIS A 143 6.38 -2.57 8.37
CA HIS A 143 5.92 -3.84 8.99
C HIS A 143 6.86 -4.06 10.22
N SER A 144 8.14 -3.79 10.05
CA SER A 144 9.12 -4.02 11.11
C SER A 144 8.85 -3.11 12.31
N GLN A 145 8.09 -2.03 12.07
CA GLN A 145 7.77 -1.06 13.09
C GLN A 145 6.34 -1.26 13.58
N GLY A 146 5.78 -2.43 13.25
CA GLY A 146 4.48 -2.85 13.71
C GLY A 146 3.30 -2.20 13.05
N ILE A 147 3.48 -1.73 11.82
CA ILE A 147 2.41 -1.06 11.13
C ILE A 147 2.11 -1.67 9.81
N MET A 148 0.83 -1.63 9.48
CA MET A 148 0.33 -2.10 8.21
C MET A 148 -0.09 -0.84 7.48
N HIS A 149 0.19 -0.75 6.19
CA HIS A 149 -0.24 0.46 5.42
C HIS A 149 -1.73 0.42 5.05
N ARG A 150 -2.14 -0.72 4.47
CA ARG A 150 -3.53 -0.99 4.17
C ARG A 150 -4.15 -0.22 3.02
N ASP A 151 -3.34 0.50 2.26
CA ASP A 151 -3.89 1.12 1.06
C ASP A 151 -2.82 1.25 -0.02
N VAL A 152 -2.09 0.16 -0.23
CA VAL A 152 -1.01 0.18 -1.21
C VAL A 152 -1.66 0.16 -2.60
N LYS A 153 -1.32 1.17 -3.41
CA LYS A 153 -1.82 1.27 -4.77
C LYS A 153 -0.98 2.34 -5.50
N PRO A 154 -1.02 2.35 -6.82
CA PRO A 154 -0.16 3.23 -7.62
C PRO A 154 -0.33 4.68 -7.25
N HIS A 155 -1.57 5.04 -7.01
CA HIS A 155 -1.86 6.38 -6.61
C HIS A 155 -1.14 6.78 -5.30
N ASN A 156 -0.79 5.79 -4.47
CA ASN A 156 -0.17 6.12 -3.17
C ASN A 156 1.34 5.91 -3.19
N VAL A 157 1.88 5.70 -4.37
CA VAL A 157 3.29 5.54 -4.54
C VAL A 157 3.75 6.70 -5.43
N MET A 158 4.36 7.70 -4.84
CA MET A 158 4.84 8.82 -5.64
C MET A 158 6.24 8.59 -6.18
N ILE A 159 6.40 8.79 -7.49
CA ILE A 159 7.68 8.60 -8.17
C ILE A 159 8.10 9.82 -9.00
N ASP A 160 9.38 10.14 -8.90
CA ASP A 160 9.98 11.25 -9.62
C ASP A 160 10.90 10.51 -10.53
N HIS A 161 10.42 10.17 -11.71
CA HIS A 161 11.16 9.34 -12.64
C HIS A 161 12.49 9.96 -13.01
N GLU A 162 12.53 11.27 -13.05
CA GLU A 162 13.75 12.00 -13.37
C GLU A 162 14.87 11.68 -12.43
N LEU A 163 14.59 11.80 -11.14
CA LEU A 163 15.58 11.56 -10.10
C LEU A 163 15.65 10.09 -9.62
N ARG A 164 14.77 9.21 -10.09
CA ARG A 164 14.73 7.83 -9.58
C ARG A 164 14.36 7.76 -8.09
N LYS A 165 13.41 8.56 -7.64
CA LYS A 165 13.06 8.65 -6.21
C LYS A 165 11.62 8.18 -5.97
N LEU A 166 11.43 7.40 -4.90
CA LEU A 166 10.11 6.83 -4.60
C LEU A 166 9.69 7.08 -3.19
N ARG A 167 8.42 7.45 -3.04
CA ARG A 167 7.88 7.63 -1.71
C ARG A 167 6.51 6.98 -1.56
N LEU A 168 6.35 6.29 -0.41
CA LEU A 168 5.05 5.72 -0.05
C LEU A 168 4.31 6.73 0.79
N ILE A 169 3.16 7.13 0.27
CA ILE A 169 2.37 8.19 0.90
C ILE A 169 0.99 7.71 1.38
N ASP A 170 0.25 8.63 2.01
CA ASP A 170 -1.11 8.45 2.49
C ASP A 170 -1.30 7.28 3.46
N TRP A 171 -0.87 7.57 4.67
CA TRP A 171 -0.90 6.70 5.80
C TRP A 171 -2.19 6.87 6.59
N GLY A 172 -3.21 7.44 5.96
CA GLY A 172 -4.52 7.67 6.59
C GLY A 172 -5.33 6.43 6.98
N LEU A 173 -5.04 5.31 6.33
CA LEU A 173 -5.71 4.05 6.66
C LEU A 173 -4.86 3.05 7.36
N ALA A 174 -3.62 3.38 7.66
CA ALA A 174 -2.68 2.50 8.32
C ALA A 174 -3.09 2.25 9.78
N GLU A 175 -2.76 1.08 10.30
CA GLU A 175 -3.04 0.69 11.66
C GLU A 175 -1.85 -0.07 12.23
N PHE A 176 -1.81 -0.11 13.56
CA PHE A 176 -0.84 -0.87 14.31
C PHE A 176 -1.33 -2.32 14.42
N TYR A 177 -0.42 -3.25 14.20
CA TYR A 177 -0.69 -4.67 14.29
C TYR A 177 -0.50 -5.17 15.72
N HIS A 178 -1.54 -5.79 16.25
CA HIS A 178 -1.56 -6.44 17.57
C HIS A 178 -2.06 -7.88 17.32
N PRO A 179 -1.33 -8.89 17.78
CA PRO A 179 -1.67 -10.30 17.54
C PRO A 179 -3.11 -10.60 17.89
N GLY A 180 -3.87 -11.18 16.98
CA GLY A 180 -5.25 -11.55 17.27
C GLY A 180 -6.30 -10.46 17.25
N LYS A 181 -5.93 -9.21 17.01
CA LYS A 181 -6.94 -8.16 16.91
C LYS A 181 -7.76 -8.32 15.64
N GLU A 182 -9.03 -8.00 15.75
CA GLU A 182 -9.92 -8.03 14.60
C GLU A 182 -9.99 -6.62 14.04
N TYR A 183 -9.66 -6.46 12.77
CA TYR A 183 -9.70 -5.15 12.14
C TYR A 183 -10.89 -4.96 11.23
N ASN A 184 -11.15 -3.73 10.86
CA ASN A 184 -12.16 -3.43 9.85
C ASN A 184 -11.69 -3.95 8.50
N VAL A 185 -12.59 -4.56 7.71
CA VAL A 185 -12.21 -5.03 6.39
C VAL A 185 -12.50 -4.03 5.27
N ARG A 186 -13.06 -2.87 5.63
CA ARG A 186 -13.37 -1.81 4.66
C ARG A 186 -12.16 -0.90 4.53
N VAL A 187 -11.05 -1.50 4.10
CA VAL A 187 -9.80 -0.80 3.89
C VAL A 187 -9.30 -1.11 2.49
N ALA A 188 -8.23 -0.44 2.10
CA ALA A 188 -7.63 -0.52 0.75
C ALA A 188 -8.62 -0.05 -0.28
N SER A 189 -8.20 -0.06 -1.53
CA SER A 189 -9.04 0.38 -2.61
C SER A 189 -9.46 -0.87 -3.37
N ARG A 190 -10.66 -0.88 -3.91
CA ARG A 190 -11.22 -2.12 -4.47
C ARG A 190 -10.28 -3.07 -5.24
N TYR A 191 -9.57 -2.53 -6.23
CA TYR A 191 -8.76 -3.36 -7.12
C TYR A 191 -7.56 -4.01 -6.46
N PHE A 192 -7.26 -3.54 -5.28
CA PHE A 192 -6.08 -3.94 -4.50
C PHE A 192 -6.44 -4.61 -3.19
N LYS A 193 -7.73 -4.92 -3.02
CA LYS A 193 -8.19 -5.62 -1.79
C LYS A 193 -7.83 -7.09 -1.81
N GLY A 194 -7.21 -7.57 -0.75
CA GLY A 194 -6.95 -8.96 -0.68
C GLY A 194 -8.18 -9.78 -0.32
N PRO A 195 -8.10 -11.06 -0.63
CA PRO A 195 -9.19 -12.00 -0.39
C PRO A 195 -9.64 -11.96 1.05
N GLU A 196 -8.72 -11.89 1.97
CA GLU A 196 -9.08 -11.80 3.38
C GLU A 196 -10.16 -10.73 3.61
N LEU A 197 -10.05 -9.59 2.93
CA LEU A 197 -10.98 -8.51 3.11
C LEU A 197 -12.28 -8.81 2.40
N LEU A 198 -12.20 -9.54 1.29
CA LEU A 198 -13.38 -9.84 0.51
C LEU A 198 -14.17 -10.99 1.12
N VAL A 199 -13.55 -11.74 2.05
CA VAL A 199 -14.26 -12.83 2.71
C VAL A 199 -14.53 -12.62 4.20
N ASP A 200 -14.25 -11.41 4.70
CA ASP A 200 -14.55 -11.05 6.08
C ASP A 200 -13.66 -11.76 7.08
N LEU A 201 -12.38 -11.96 6.71
CA LEU A 201 -11.38 -12.48 7.63
C LEU A 201 -10.76 -11.24 8.26
N GLN A 202 -11.14 -10.99 9.50
CA GLN A 202 -10.79 -9.75 10.14
C GLN A 202 -9.47 -9.73 10.85
N ASP A 203 -8.96 -10.90 11.21
CA ASP A 203 -7.69 -10.97 11.87
C ASP A 203 -6.53 -11.13 10.83
N TYR A 204 -6.45 -10.14 9.95
CA TYR A 204 -5.37 -10.05 8.97
C TYR A 204 -4.11 -9.38 9.50
N ASP A 205 -3.06 -9.31 8.66
CA ASP A 205 -1.83 -8.72 9.10
C ASP A 205 -1.05 -8.06 7.97
N TYR A 206 0.21 -7.80 8.22
CA TYR A 206 1.08 -7.17 7.23
C TYR A 206 1.04 -7.81 5.83
N SER A 207 0.71 -9.10 5.74
CA SER A 207 0.65 -9.78 4.48
C SER A 207 -0.43 -9.17 3.53
N LEU A 208 -1.42 -8.48 4.06
CA LEU A 208 -2.37 -7.76 3.21
C LEU A 208 -1.67 -6.81 2.22
N ASP A 209 -0.70 -6.04 2.69
CA ASP A 209 0.03 -5.10 1.83
C ASP A 209 0.77 -5.84 0.69
N MET A 210 1.10 -7.10 0.92
CA MET A 210 1.87 -7.88 -0.07
C MET A 210 0.95 -8.32 -1.18
N TRP A 211 -0.32 -8.58 -0.85
CA TRP A 211 -1.32 -8.88 -1.88
C TRP A 211 -1.48 -7.63 -2.75
N SER A 212 -1.67 -6.48 -2.12
CA SER A 212 -1.85 -5.24 -2.87
C SER A 212 -0.61 -4.97 -3.77
N LEU A 213 0.60 -5.09 -3.23
CA LEU A 213 1.82 -4.95 -4.01
C LEU A 213 1.81 -5.89 -5.22
N GLY A 214 1.43 -7.16 -5.01
CA GLY A 214 1.26 -8.13 -6.08
C GLY A 214 0.33 -7.69 -7.24
N CYS A 215 -0.80 -7.10 -6.87
CA CYS A 215 -1.76 -6.59 -7.81
C CYS A 215 -1.13 -5.48 -8.67
N MET A 216 -0.41 -4.59 -7.99
CA MET A 216 0.30 -3.49 -8.63
C MET A 216 1.33 -4.02 -9.62
N PHE A 217 2.12 -4.95 -9.14
CA PHE A 217 3.15 -5.60 -9.93
C PHE A 217 2.59 -6.24 -11.17
N ALA A 218 1.54 -7.04 -11.04
CA ALA A 218 0.87 -7.71 -12.13
C ALA A 218 0.41 -6.70 -13.20
N GLY A 219 -0.15 -5.59 -12.71
CA GLY A 219 -0.54 -4.44 -13.51
C GLY A 219 0.62 -3.83 -14.32
N MET A 220 1.79 -3.71 -13.75
CA MET A 220 2.93 -3.18 -14.48
C MET A 220 3.55 -4.18 -15.50
N ILE A 221 3.77 -5.43 -15.13
CA ILE A 221 4.41 -6.37 -16.07
C ILE A 221 3.46 -6.87 -17.14
N PHE A 222 2.15 -6.76 -16.89
CA PHE A 222 1.17 -7.18 -17.91
C PHE A 222 0.57 -5.98 -18.63
N ARG A 223 0.86 -4.76 -18.18
CA ARG A 223 0.26 -3.53 -18.72
C ARG A 223 -1.25 -3.73 -18.80
N LYS A 224 -1.85 -4.06 -17.65
CA LYS A 224 -3.27 -4.41 -17.58
C LYS A 224 -3.76 -3.75 -16.31
N GLU A 225 -4.04 -2.45 -16.41
CA GLU A 225 -4.33 -1.64 -15.26
C GLU A 225 -5.79 -1.24 -15.15
N PRO A 226 -6.47 -1.70 -14.10
CA PRO A 226 -5.87 -2.57 -13.10
C PRO A 226 -5.86 -4.01 -13.51
N PHE A 227 -5.20 -4.86 -12.74
CA PHE A 227 -5.12 -6.25 -13.14
C PHE A 227 -6.42 -6.95 -12.81
N PHE A 228 -6.92 -6.78 -11.60
CA PHE A 228 -8.21 -7.42 -11.21
C PHE A 228 -9.27 -6.31 -11.22
N TYR A 229 -10.07 -6.25 -12.28
CA TYR A 229 -11.04 -5.16 -12.49
C TYR A 229 -12.45 -5.55 -12.09
N GLY A 230 -12.75 -5.46 -10.80
CA GLY A 230 -14.07 -5.79 -10.27
C GLY A 230 -14.92 -4.54 -10.13
N HIS A 231 -16.24 -4.68 -10.25
CA HIS A 231 -17.16 -3.54 -10.19
C HIS A 231 -17.56 -3.28 -8.77
N ASP A 232 -17.95 -4.30 -8.02
CA ASP A 232 -18.19 -4.11 -6.61
C ASP A 232 -17.42 -5.17 -5.87
N ASN A 233 -17.49 -5.14 -4.55
CA ASN A 233 -16.72 -6.07 -3.74
C ASN A 233 -16.94 -7.51 -4.09
N HIS A 234 -18.18 -7.89 -4.36
CA HIS A 234 -18.48 -9.26 -4.73
C HIS A 234 -17.82 -9.63 -6.06
N ASP A 235 -17.98 -8.77 -7.06
CA ASP A 235 -17.39 -8.99 -8.36
C ASP A 235 -15.84 -9.06 -8.25
N GLN A 236 -15.25 -8.32 -7.30
CA GLN A 236 -13.78 -8.34 -7.13
C GLN A 236 -13.32 -9.75 -6.82
N LEU A 237 -14.04 -10.42 -5.91
CA LEU A 237 -13.71 -11.79 -5.53
C LEU A 237 -13.84 -12.73 -6.71
N VAL A 238 -14.89 -12.54 -7.52
CA VAL A 238 -15.10 -13.31 -8.72
C VAL A 238 -13.96 -13.12 -9.70
N LYS A 239 -13.49 -11.88 -9.88
CA LYS A 239 -12.38 -11.60 -10.81
C LYS A 239 -11.07 -12.28 -10.39
N ILE A 240 -10.80 -12.34 -9.08
CA ILE A 240 -9.64 -13.03 -8.55
C ILE A 240 -9.80 -14.51 -8.82
N ALA A 241 -10.97 -15.06 -8.48
CA ALA A 241 -11.24 -16.51 -8.62
C ALA A 241 -11.14 -17.00 -10.06
N LYS A 242 -11.53 -16.17 -11.00
CA LYS A 242 -11.46 -16.53 -12.41
C LYS A 242 -10.00 -16.63 -12.87
N VAL A 243 -9.07 -16.14 -12.05
CA VAL A 243 -7.67 -16.26 -12.39
C VAL A 243 -6.98 -17.30 -11.51
N LEU A 244 -7.05 -17.14 -10.18
CA LEU A 244 -6.35 -18.05 -9.30
C LEU A 244 -7.00 -19.41 -9.19
N GLY A 245 -8.28 -19.48 -9.56
CA GLY A 245 -9.03 -20.72 -9.54
C GLY A 245 -9.77 -20.91 -8.24
N THR A 246 -10.84 -21.69 -8.30
CA THR A 246 -11.74 -21.88 -7.17
C THR A 246 -11.29 -22.96 -6.19
N ASP A 247 -10.45 -23.89 -6.64
CA ASP A 247 -9.95 -24.93 -5.74
C ASP A 247 -9.12 -24.35 -4.58
N GLY A 248 -8.20 -23.45 -4.90
CA GLY A 248 -7.36 -22.84 -3.89
C GLY A 248 -8.18 -21.99 -2.94
N LEU A 249 -9.26 -21.41 -3.43
CA LEU A 249 -10.12 -20.57 -2.61
C LEU A 249 -10.79 -21.45 -1.57
N ASN A 250 -11.30 -22.58 -2.00
CA ASN A 250 -12.02 -23.46 -1.08
C ASN A 250 -11.10 -24.08 -0.08
N VAL A 251 -9.85 -24.29 -0.44
CA VAL A 251 -8.87 -24.79 0.51
C VAL A 251 -8.63 -23.71 1.58
N TYR A 252 -8.59 -22.47 1.12
CA TYR A 252 -8.35 -21.36 1.99
C TYR A 252 -9.49 -21.15 3.00
N LEU A 253 -10.72 -21.14 2.50
CA LEU A 253 -11.90 -20.94 3.32
C LEU A 253 -12.07 -22.00 4.41
N ASN A 254 -11.77 -23.23 4.09
CA ASN A 254 -11.92 -24.32 5.05
C ASN A 254 -10.82 -24.29 6.08
N LYS A 255 -9.62 -23.89 5.66
CA LYS A 255 -8.50 -23.72 6.59
C LYS A 255 -8.83 -22.66 7.64
N TYR A 256 -9.45 -21.55 7.26
CA TYR A 256 -9.74 -20.54 8.26
C TYR A 256 -11.21 -20.60 8.69
N ARG A 257 -11.93 -21.61 8.23
CA ARG A 257 -13.30 -21.84 8.69
C ARG A 257 -14.21 -20.66 8.41
N ILE A 258 -14.24 -20.24 7.16
CA ILE A 258 -15.06 -19.13 6.75
C ILE A 258 -16.14 -19.67 5.86
N GLU A 259 -17.38 -19.25 6.07
CA GLU A 259 -18.45 -19.63 5.15
C GLU A 259 -18.80 -18.43 4.28
N LEU A 260 -18.69 -18.61 2.97
CA LEU A 260 -19.07 -17.57 2.03
C LEU A 260 -20.58 -17.48 1.99
N ASP A 261 -21.09 -16.27 1.83
CA ASP A 261 -22.54 -16.08 1.75
C ASP A 261 -23.05 -16.69 0.45
N PRO A 262 -24.17 -17.39 0.54
CA PRO A 262 -24.77 -18.12 -0.58
C PRO A 262 -24.80 -17.37 -1.89
N GLN A 263 -25.23 -16.13 -1.87
CA GLN A 263 -25.27 -15.32 -3.07
C GLN A 263 -23.86 -15.26 -3.66
N LEU A 264 -22.90 -14.91 -2.81
CA LEU A 264 -21.52 -14.78 -3.24
C LEU A 264 -21.00 -16.09 -3.78
N GLU A 265 -21.23 -17.17 -3.03
CA GLU A 265 -20.80 -18.48 -3.45
C GLU A 265 -21.26 -18.77 -4.86
N ALA A 266 -22.50 -18.40 -5.14
CA ALA A 266 -23.08 -18.68 -6.44
C ALA A 266 -22.44 -17.78 -7.49
N LEU A 267 -22.15 -16.53 -7.11
CA LEU A 267 -21.50 -15.63 -8.05
C LEU A 267 -20.14 -16.18 -8.44
N VAL A 268 -19.38 -16.63 -7.44
CA VAL A 268 -18.04 -17.16 -7.71
C VAL A 268 -18.07 -18.34 -8.67
N GLY A 269 -18.92 -19.33 -8.42
CA GLY A 269 -19.01 -20.50 -9.28
C GLY A 269 -17.81 -21.43 -9.17
N ARG A 270 -17.46 -22.06 -10.28
CA ARG A 270 -16.32 -22.95 -10.35
C ARG A 270 -15.41 -22.48 -11.47
N HIS A 271 -14.12 -22.47 -11.22
CA HIS A 271 -13.19 -22.01 -12.23
C HIS A 271 -11.85 -22.66 -12.07
N SER A 272 -11.25 -22.99 -13.20
CA SER A 272 -9.94 -23.59 -13.20
C SER A 272 -8.94 -22.46 -13.10
N ARG A 273 -7.78 -22.77 -12.55
CA ARG A 273 -6.72 -21.81 -12.50
C ARG A 273 -6.19 -21.46 -13.89
N LYS A 274 -5.97 -20.18 -14.14
CA LYS A 274 -5.43 -19.73 -15.41
C LYS A 274 -3.94 -19.40 -15.29
N PRO A 275 -3.10 -20.12 -16.02
CA PRO A 275 -1.65 -19.89 -16.02
C PRO A 275 -1.30 -18.44 -16.31
N TRP A 276 -0.32 -17.90 -15.59
CA TRP A 276 0.05 -16.51 -15.74
C TRP A 276 0.45 -16.17 -17.19
N LEU A 277 0.97 -17.16 -17.90
CA LEU A 277 1.40 -16.98 -19.28
C LEU A 277 0.30 -16.60 -20.24
N LYS A 278 -0.94 -16.97 -19.94
CA LYS A 278 -2.05 -16.64 -20.84
C LYS A 278 -2.31 -15.13 -20.97
N PHE A 279 -1.76 -14.34 -20.05
CA PHE A 279 -1.87 -12.89 -20.11
C PHE A 279 -0.71 -12.27 -20.88
N MET A 280 0.17 -13.10 -21.44
CA MET A 280 1.30 -12.59 -22.22
C MET A 280 0.78 -12.10 -23.56
N ASN A 281 1.31 -10.97 -24.03
CA ASN A 281 0.94 -10.40 -25.33
C ASN A 281 1.99 -9.40 -25.84
N ALA A 282 1.89 -9.06 -27.13
CA ALA A 282 2.85 -8.22 -27.83
C ALA A 282 3.21 -6.92 -27.15
N ASP A 283 2.30 -6.35 -26.36
CA ASP A 283 2.61 -5.11 -25.69
C ASP A 283 3.40 -5.31 -24.39
N ASN A 284 3.30 -6.48 -23.78
CA ASN A 284 3.98 -6.65 -22.49
C ASN A 284 5.21 -7.53 -22.52
N GLN A 285 5.28 -8.40 -23.53
CA GLN A 285 6.35 -9.35 -23.75
C GLN A 285 7.75 -8.94 -23.27
N HIS A 286 8.17 -7.70 -23.55
CA HIS A 286 9.48 -7.25 -23.07
C HIS A 286 9.55 -7.16 -21.53
N LEU A 287 8.41 -7.17 -20.85
CA LEU A 287 8.41 -7.12 -19.40
C LEU A 287 8.24 -8.45 -18.66
N VAL A 288 8.03 -9.55 -19.35
CA VAL A 288 7.58 -10.73 -18.66
C VAL A 288 8.59 -11.91 -18.46
N SER A 289 9.72 -11.71 -17.82
CA SER A 289 10.67 -12.85 -17.59
C SER A 289 10.13 -13.98 -16.67
N PRO A 290 10.73 -15.19 -16.76
CA PRO A 290 10.34 -16.28 -15.87
C PRO A 290 10.51 -15.89 -14.40
N GLU A 291 11.46 -15.01 -14.13
CA GLU A 291 11.69 -14.58 -12.74
C GLU A 291 10.57 -13.63 -12.30
N ALA A 292 10.07 -12.82 -13.24
CA ALA A 292 8.93 -11.95 -12.94
C ALA A 292 7.74 -12.75 -12.56
N ILE A 293 7.50 -13.83 -13.28
CA ILE A 293 6.33 -14.64 -13.03
C ILE A 293 6.50 -15.42 -11.72
N ASP A 294 7.69 -15.94 -11.48
CA ASP A 294 7.92 -16.65 -10.25
C ASP A 294 7.65 -15.78 -9.01
N PHE A 295 8.14 -14.55 -9.02
CA PHE A 295 7.92 -13.60 -7.97
C PHE A 295 6.42 -13.29 -7.81
N LEU A 296 5.73 -13.00 -8.93
CA LEU A 296 4.32 -12.64 -8.89
C LEU A 296 3.55 -13.76 -8.26
N ASP A 297 3.88 -14.97 -8.69
CA ASP A 297 3.25 -16.14 -8.19
C ASP A 297 3.36 -16.36 -6.65
N LYS A 298 4.45 -15.90 -6.04
CA LYS A 298 4.67 -16.05 -4.60
C LYS A 298 3.99 -14.93 -3.80
N LEU A 299 3.44 -13.96 -4.54
CA LEU A 299 2.73 -12.88 -3.93
C LEU A 299 1.26 -13.07 -3.97
N LEU A 300 0.73 -13.44 -5.13
CA LEU A 300 -0.69 -13.55 -5.27
C LEU A 300 -1.24 -14.94 -4.90
N ARG A 301 -1.33 -15.16 -3.61
CA ARG A 301 -1.82 -16.41 -3.02
C ARG A 301 -3.01 -16.02 -2.14
N TYR A 302 -4.04 -16.85 -2.14
CA TYR A 302 -5.20 -16.63 -1.27
C TYR A 302 -4.81 -16.57 0.20
N ASP A 303 -4.05 -17.57 0.62
CA ASP A 303 -3.67 -17.69 1.99
C ASP A 303 -2.60 -16.69 2.24
N HIS A 304 -2.93 -15.76 3.14
CA HIS A 304 -2.07 -14.64 3.46
C HIS A 304 -0.81 -15.12 4.12
N GLN A 305 -0.95 -16.24 4.79
CA GLN A 305 0.19 -16.87 5.46
C GLN A 305 1.19 -17.44 4.51
N GLU A 306 0.81 -17.69 3.26
CA GLU A 306 1.75 -18.25 2.29
C GLU A 306 2.51 -17.22 1.45
N ARG A 307 2.06 -15.98 1.48
CA ARG A 307 2.67 -14.90 0.70
C ARG A 307 4.05 -14.60 1.16
N LEU A 308 4.88 -14.11 0.24
CA LEU A 308 6.22 -13.75 0.58
C LEU A 308 6.13 -12.59 1.54
N THR A 309 7.07 -12.50 2.46
CA THR A 309 7.12 -11.33 3.28
C THR A 309 7.97 -10.31 2.50
N ALA A 310 7.82 -9.03 2.79
CA ALA A 310 8.62 -7.99 2.12
C ALA A 310 10.11 -8.21 2.18
N LEU A 311 10.62 -8.63 3.33
CA LEU A 311 12.00 -9.03 3.41
C LEU A 311 12.42 -10.14 2.48
N GLU A 312 11.62 -11.20 2.40
CA GLU A 312 11.92 -12.28 1.48
C GLU A 312 11.86 -11.78 0.04
N ALA A 313 10.79 -11.06 -0.29
CA ALA A 313 10.65 -10.52 -1.62
C ALA A 313 11.92 -9.78 -2.12
N MET A 314 12.57 -8.97 -1.30
CA MET A 314 13.69 -8.16 -1.70
C MET A 314 14.87 -9.08 -2.09
N THR A 315 14.88 -10.33 -1.61
CA THR A 315 16.04 -11.22 -1.89
C THR A 315 15.73 -12.16 -3.02
N HIS A 316 14.57 -12.06 -3.63
CA HIS A 316 14.22 -12.90 -4.78
C HIS A 316 15.18 -12.60 -5.95
N PRO A 317 15.62 -13.63 -6.68
CA PRO A 317 16.55 -13.45 -7.80
C PRO A 317 16.10 -12.43 -8.87
N TYR A 318 14.78 -12.24 -8.99
CA TYR A 318 14.28 -11.24 -9.92
C TYR A 318 14.94 -9.91 -9.64
N PHE A 319 15.31 -9.62 -8.39
CA PHE A 319 15.99 -8.36 -8.10
C PHE A 319 17.53 -8.26 -8.11
N GLN A 320 18.17 -9.25 -8.59
CA GLN A 320 19.58 -9.37 -8.26
C GLN A 320 20.44 -8.27 -8.90
N GLN A 321 20.03 -7.79 -10.06
CA GLN A 321 20.82 -6.72 -10.70
C GLN A 321 20.65 -5.45 -9.92
N VAL A 322 19.43 -5.20 -9.42
CA VAL A 322 19.18 -4.04 -8.62
C VAL A 322 19.99 -4.09 -7.33
N ARG A 323 20.07 -5.27 -6.73
CA ARG A 323 20.83 -5.44 -5.51
C ARG A 323 22.30 -5.18 -5.84
N ALA A 324 22.81 -5.88 -6.83
CA ALA A 324 24.19 -5.68 -7.24
C ALA A 324 24.49 -4.21 -7.45
N ALA A 325 23.59 -3.50 -8.14
CA ALA A 325 23.83 -2.09 -8.41
C ALA A 325 23.99 -1.35 -7.11
N GLU A 326 23.17 -1.72 -6.15
CA GLU A 326 23.13 -1.00 -4.89
C GLU A 326 24.38 -1.21 -4.05
N ASN A 327 24.98 -2.39 -4.17
CA ASN A 327 26.15 -2.71 -3.37
C ASN A 327 27.42 -2.01 -3.83
N SER A 328 27.31 -1.19 -4.86
CA SER A 328 28.46 -0.50 -5.44
C SER A 328 29.73 -1.33 -5.29
C1 BEN B . 0.73 12.67 0.79
C2 BEN B . 1.98 13.13 1.15
C3 BEN B . 2.77 13.81 0.22
C4 BEN B . 2.28 14.04 -1.07
C5 BEN B . 1.02 13.59 -1.46
C6 BEN B . 0.25 12.90 -0.52
C BEN B . -0.03 11.96 1.74
N1 BEN B . -1.27 11.83 1.70
N2 BEN B . 0.58 11.43 2.69
#